data_7SE0
#
_entry.id   7SE0
#
_cell.length_a   105.606
_cell.length_b   105.606
_cell.length_c   93.758
_cell.angle_alpha   90.000
_cell.angle_beta   90.000
_cell.angle_gamma   120.000
#
_symmetry.space_group_name_H-M   'H 3'
#
loop_
_entity.id
_entity.type
_entity.pdbx_description
1 polymer "DNA (5'-D(*GP*AP*GP*CP*AP*GP*CP*CP*TP*GP*TP*(5IU)P*TP*GP*GP*AP*CP*AP*TP*CP*A)-3')"
2 polymer "DNA (5'-D(P*CP*CP*AP*TP*AP*CP*A)-3')"
3 polymer "DNA (5'-D(P*GP*GP*CP*TP*GP*CP*T)-3')"
4 polymer "DNA (5'-D(P*CP*TP*GP*AP*TP*GP*T)-3')"
5 non-polymer 'MERCURY (II) ION'
#
loop_
_entity_poly.entity_id
_entity_poly.type
_entity_poly.pdbx_seq_one_letter_code
_entity_poly.pdbx_strand_id
1 'polydeoxyribonucleotide'
;(DG)(DA)(DG)(DC)(DA)(DG)(DC)(DC)(DT)(DG)(DT)(5IU)(DT)(DG)(DG)(DA)(DC)(DA)(DT)
(DC)(DA)
;
A
2 'polydeoxyribonucleotide' (DC)(DC)(DA)(DT)(DA)(DC)(DA) B
3 'polydeoxyribonucleotide' (DG)(DG)(DC)(DT)(DG)(DC)(DT) C
4 'polydeoxyribonucleotide' (DC)(DT)(DG)(DA)(DT)(DG)(DT) D
#
loop_
_chem_comp.id
_chem_comp.type
_chem_comp.name
_chem_comp.formula
5IU DNA linking 5-IODO-2'-DEOXYURIDINE-5'-MONOPHOSPHATE 'C9 H12 I N2 O8 P'
DA DNA linking 2'-DEOXYADENOSINE-5'-MONOPHOSPHATE 'C10 H14 N5 O6 P'
DC DNA linking 2'-DEOXYCYTIDINE-5'-MONOPHOSPHATE 'C9 H14 N3 O7 P'
DG DNA linking 2'-DEOXYGUANOSINE-5'-MONOPHOSPHATE 'C10 H14 N5 O7 P'
DT DNA linking THYMIDINE-5'-MONOPHOSPHATE 'C10 H15 N2 O8 P'
HG non-polymer 'MERCURY (II) ION' 'Hg 2'
#
# COMPACT_ATOMS: atom_id res chain seq x y z
N1 5IU A 12 0.42 -0.62 -0.52
C2 5IU A 12 1.43 -1.33 -0.97
N3 5IU A 12 1.80 -2.53 -0.51
C4 5IU A 12 1.12 -3.06 0.49
C5 5IU A 12 0.02 -2.37 1.01
C6 5IU A 12 -0.32 -1.12 0.48
O2 5IU A 12 2.05 -0.86 -1.87
O4 5IU A 12 1.50 -4.33 1.00
I5 5IU A 12 -1.13 -3.16 2.62
C1' 5IU A 12 0.14 0.67 -1.17
C2' 5IU A 12 -1.09 0.69 -1.64
C3' 5IU A 12 -1.52 2.29 -1.77
C4' 5IU A 12 -0.78 2.97 -0.93
O3' 5IU A 12 -1.43 2.84 -3.08
O4' 5IU A 12 0.32 1.98 -0.34
C5' 5IU A 12 -1.68 3.63 0.13
O5' 5IU A 12 -1.00 3.62 1.42
P 5IU A 12 -1.00 2.20 2.28
OP1 5IU A 12 -2.04 1.27 1.71
OP2 5IU A 12 0.37 1.59 2.20
HG HG E . 2.84 -4.36 -0.55
#